data_6GO6
#
_entry.id   6GO6
#
_cell.length_a   86.420
_cell.length_b   189.830
_cell.length_c   46.480
_cell.angle_alpha   90.00
_cell.angle_beta   90.00
_cell.angle_gamma   90.00
#
_symmetry.space_group_name_H-M   'P 21 21 2'
#
loop_
_entity.id
_entity.type
_entity.pdbx_description
1 polymer 'DNA nucleotidylexotransferase,DNA-directed DNA/RNA polymerase mu,DNA nucleotidylexotransferase'
2 polymer "DNA (5'-D(*TP*TP*TP*TP*TP*GP*GP*C)-3')"
3 polymer "DNA (5'-D(*AP*AP*AP*AP*AP*C)-3')"
4 non-polymer 'SODIUM ION'
5 non-polymer 'MAGNESIUM ION'
6 non-polymer "2',3'-DIDEOXYCYTIDINE 5'-TRIPHOSPHATE"
7 water water
#
loop_
_entity_poly.entity_id
_entity_poly.type
_entity_poly.pdbx_seq_one_letter_code
_entity_poly.pdbx_strand_id
1 'polypeptide(L)'
;MGSSHHHHHHSSGLVPRGSHMSPSPVPGSQNVPAPAVKKISQYACQRRTTLNNYNQLFTDALDILAENDELRENEGSCLA
FMRASSVLKSLPFPITSMKDTEGIPCLGDKVKSIIEGIIEDGESSEAKAVLNDERYKSFKLFTSVFGVGLKTAEKWFRMG
FRTLSKIQSDKSLRFTQMQKAGFLYYEDLVSCVNRPEAEAVSMLVKEAVVTFLPDALVTMTGGFRRGKMTGHDVDFLITS
PEATEDEEQQLLHKVTDFWKQQGLLLYHQYHRSHLADSAHNLRQRSSTMDVFERSFCILKLDHGRVHSEKSGQQEGKGWK
AIRVDLVMCPYDRRAFALLGWTGSRQFERDLRRYATHERKMMLDNHALYDRTKRVFLEAESEEEIFAHLGLDYIEPWERN
A
;
A
2 'polydeoxyribonucleotide' (DT)(DT)(DT)(DT)(DT)(DG)(DG)(DC) G,F
3 'polydeoxyribonucleotide' (DA)(DA)(DA)(DA)(DA)(DC) E
#
# COMPACT_ATOMS: atom_id res chain seq x y z
N LYS A 38 -20.41 14.08 17.65
CA LYS A 38 -19.44 14.95 18.30
C LYS A 38 -18.11 14.21 18.56
N LYS A 39 -18.20 12.97 19.09
CA LYS A 39 -17.03 12.15 19.41
C LYS A 39 -16.33 11.57 18.18
N ILE A 40 -14.99 11.56 18.20
CA ILE A 40 -14.16 10.98 17.13
C ILE A 40 -14.29 9.46 17.17
N SER A 41 -14.59 8.86 16.01
CA SER A 41 -14.74 7.41 15.90
C SER A 41 -13.37 6.71 15.93
N GLN A 42 -13.34 5.50 16.52
CA GLN A 42 -12.15 4.65 16.55
C GLN A 42 -11.87 4.01 15.18
N TYR A 43 -12.85 4.06 14.24
CA TYR A 43 -12.74 3.52 12.89
C TYR A 43 -12.32 4.61 11.88
N ALA A 44 -11.28 4.34 11.08
CA ALA A 44 -10.78 5.27 10.05
C ALA A 44 -11.81 5.53 8.91
N CYS A 45 -12.75 4.58 8.70
CA CYS A 45 -13.82 4.66 7.71
C CYS A 45 -14.96 5.63 8.13
N GLN A 46 -14.92 6.12 9.38
CA GLN A 46 -15.84 7.12 9.94
C GLN A 46 -15.14 8.49 10.19
N ARG A 47 -13.92 8.66 9.66
CA ARG A 47 -13.13 9.90 9.75
C ARG A 47 -12.72 10.35 8.34
N ARG A 48 -12.53 11.66 8.17
CA ARG A 48 -12.04 12.25 6.93
C ARG A 48 -10.57 12.58 7.16
N THR A 49 -9.67 11.89 6.45
CA THR A 49 -8.20 12.05 6.59
C THR A 49 -7.56 12.53 5.28
N THR A 50 -7.25 13.84 5.21
CA THR A 50 -6.59 14.43 4.05
C THR A 50 -5.07 14.34 4.22
N LEU A 51 -4.33 14.88 3.25
CA LEU A 51 -2.88 14.92 3.31
C LEU A 51 -2.36 16.11 4.17
N ASN A 52 -3.27 16.90 4.78
CA ASN A 52 -2.91 17.99 5.70
C ASN A 52 -2.81 17.42 7.10
N ASN A 53 -1.60 17.14 7.55
CA ASN A 53 -1.33 16.59 8.88
C ASN A 53 -0.77 17.70 9.78
N TYR A 54 -1.51 18.03 10.85
CA TYR A 54 -1.13 19.06 11.81
C TYR A 54 -0.31 18.49 12.96
N ASN A 55 -0.13 17.15 12.98
CA ASN A 55 0.53 16.44 14.07
C ASN A 55 1.71 15.56 13.64
N GLN A 56 2.46 15.98 12.60
CA GLN A 56 3.61 15.25 12.06
C GLN A 56 4.68 14.90 13.09
N LEU A 57 4.95 15.80 14.07
CA LEU A 57 5.94 15.56 15.14
C LEU A 57 5.55 14.28 15.94
N PHE A 58 4.24 14.09 16.20
CA PHE A 58 3.71 12.92 16.92
C PHE A 58 3.59 11.68 16.04
N THR A 59 3.03 11.83 14.83
CA THR A 59 2.80 10.70 13.90
C THR A 59 4.10 10.15 13.34
N ASP A 60 5.18 10.95 13.20
CA ASP A 60 6.46 10.42 12.72
C ASP A 60 7.08 9.49 13.76
N ALA A 61 6.94 9.86 15.07
CA ALA A 61 7.46 9.06 16.18
C ALA A 61 6.65 7.75 16.35
N LEU A 62 5.30 7.82 16.16
CA LEU A 62 4.41 6.66 16.26
C LEU A 62 4.60 5.66 15.10
N ASP A 63 4.92 6.17 13.89
CA ASP A 63 5.21 5.36 12.70
C ASP A 63 6.51 4.57 12.89
N ILE A 64 7.53 5.21 13.51
CA ILE A 64 8.82 4.57 13.84
C ILE A 64 8.60 3.42 14.84
N LEU A 65 7.77 3.64 15.89
CA LEU A 65 7.48 2.62 16.90
C LEU A 65 6.66 1.45 16.32
N ALA A 66 5.72 1.73 15.39
CA ALA A 66 4.91 0.70 14.72
C ALA A 66 5.80 -0.13 13.79
N GLU A 67 6.68 0.55 13.03
CA GLU A 67 7.61 -0.08 12.09
C GLU A 67 8.56 -1.02 12.82
N ASN A 68 9.07 -0.60 13.99
CA ASN A 68 9.97 -1.44 14.81
C ASN A 68 9.29 -2.75 15.22
N ASP A 69 8.01 -2.67 15.64
CA ASP A 69 7.23 -3.82 16.08
C ASP A 69 6.82 -4.72 14.90
N GLU A 70 6.55 -4.14 13.70
CA GLU A 70 6.22 -4.84 12.46
C GLU A 70 7.41 -5.69 11.99
N LEU A 71 8.62 -5.09 12.00
CA LEU A 71 9.88 -5.75 11.60
C LEU A 71 10.24 -6.89 12.56
N ARG A 72 9.81 -6.79 13.84
CA ARG A 72 10.01 -7.78 14.90
C ARG A 72 8.81 -8.78 15.05
N GLU A 73 7.75 -8.59 14.22
CA GLU A 73 6.52 -9.40 14.18
C GLU A 73 5.68 -9.40 15.49
N ASN A 74 5.69 -8.27 16.26
CA ASN A 74 4.85 -8.11 17.47
C ASN A 74 3.65 -7.34 16.93
N GLU A 75 2.74 -8.07 16.29
CA GLU A 75 1.62 -7.55 15.51
C GLU A 75 0.56 -6.78 16.30
N GLY A 76 0.29 -7.20 17.54
CA GLY A 76 -0.71 -6.55 18.39
C GLY A 76 -0.37 -5.10 18.69
N SER A 77 0.82 -4.88 19.25
CA SER A 77 1.30 -3.54 19.59
C SER A 77 1.63 -2.71 18.34
N CYS A 78 2.05 -3.36 17.23
CA CYS A 78 2.32 -2.67 15.96
C CYS A 78 1.04 -1.97 15.47
N LEU A 79 -0.09 -2.71 15.47
CA LEU A 79 -1.40 -2.20 15.07
C LEU A 79 -1.89 -1.08 16.02
N ALA A 80 -1.62 -1.20 17.33
CA ALA A 80 -2.01 -0.18 18.29
C ALA A 80 -1.28 1.16 18.00
N PHE A 81 0.01 1.10 17.63
CA PHE A 81 0.79 2.29 17.25
C PHE A 81 0.31 2.88 15.93
N MET A 82 -0.08 2.00 14.96
CA MET A 82 -0.62 2.39 13.65
C MET A 82 -1.99 3.08 13.80
N ARG A 83 -2.86 2.58 14.70
CA ARG A 83 -4.17 3.18 14.97
C ARG A 83 -4.04 4.56 15.62
N ALA A 84 -3.14 4.68 16.62
CA ALA A 84 -2.83 5.93 17.31
C ALA A 84 -2.31 6.97 16.30
N SER A 85 -1.35 6.57 15.44
CA SER A 85 -0.81 7.45 14.41
C SER A 85 -1.93 7.94 13.44
N SER A 86 -2.80 6.99 13.02
CA SER A 86 -3.93 7.21 12.10
C SER A 86 -4.96 8.25 12.59
N VAL A 87 -5.37 8.15 13.87
CA VAL A 87 -6.36 9.08 14.44
C VAL A 87 -5.77 10.52 14.55
N LEU A 88 -4.47 10.65 14.88
CA LEU A 88 -3.83 11.96 15.01
C LEU A 88 -3.72 12.68 13.66
N LYS A 89 -3.58 11.89 12.56
CA LYS A 89 -3.51 12.41 11.19
C LYS A 89 -4.84 13.08 10.76
N SER A 90 -5.98 12.63 11.35
CA SER A 90 -7.33 13.17 11.08
C SER A 90 -7.67 14.50 11.81
N LEU A 91 -6.88 14.88 12.85
CA LEU A 91 -7.13 16.10 13.64
C LEU A 91 -6.97 17.41 12.86
N PRO A 92 -7.96 18.35 12.96
CA PRO A 92 -7.86 19.63 12.24
C PRO A 92 -7.04 20.71 12.98
N PHE A 93 -6.33 20.32 14.04
CA PHE A 93 -5.53 21.24 14.86
C PHE A 93 -4.27 20.52 15.38
N PRO A 94 -3.17 21.25 15.72
CA PRO A 94 -1.99 20.58 16.31
C PRO A 94 -2.14 20.37 17.83
N ILE A 95 -1.69 19.20 18.33
CA ILE A 95 -1.71 18.94 19.78
C ILE A 95 -0.63 19.83 20.44
N THR A 96 -1.05 20.64 21.42
CA THR A 96 -0.15 21.57 22.12
C THR A 96 -0.10 21.30 23.63
N SER A 97 -1.06 20.52 24.17
CA SER A 97 -1.14 20.14 25.59
C SER A 97 -1.85 18.81 25.77
N MET A 98 -1.64 18.14 26.92
CA MET A 98 -2.23 16.84 27.25
C MET A 98 -3.76 16.88 27.30
N LYS A 99 -4.33 18.07 27.57
CA LYS A 99 -5.77 18.33 27.61
C LYS A 99 -6.42 18.10 26.24
N ASP A 100 -5.64 18.23 25.15
CA ASP A 100 -6.08 18.00 23.77
C ASP A 100 -6.34 16.51 23.46
N THR A 101 -5.74 15.56 24.22
CA THR A 101 -5.92 14.11 24.04
C THR A 101 -7.26 13.57 24.61
N GLU A 102 -8.02 14.41 25.33
CA GLU A 102 -9.31 14.02 25.93
C GLU A 102 -10.39 13.74 24.86
N GLY A 103 -11.03 12.58 24.97
CA GLY A 103 -12.06 12.14 24.04
C GLY A 103 -11.55 11.64 22.69
N ILE A 104 -10.25 11.32 22.61
CA ILE A 104 -9.62 10.80 21.39
C ILE A 104 -9.43 9.28 21.56
N PRO A 105 -10.02 8.44 20.67
CA PRO A 105 -9.83 6.98 20.81
C PRO A 105 -8.42 6.55 20.38
N CYS A 106 -8.07 5.28 20.70
CA CYS A 106 -6.83 4.57 20.36
C CYS A 106 -5.60 5.06 21.13
N LEU A 107 -5.82 5.87 22.18
CA LEU A 107 -4.76 6.42 23.01
C LEU A 107 -4.83 5.89 24.45
N GLY A 108 -3.95 4.93 24.72
CA GLY A 108 -3.82 4.34 26.05
C GLY A 108 -2.69 5.01 26.79
N ASP A 109 -2.22 4.38 27.88
CA ASP A 109 -1.15 4.90 28.73
C ASP A 109 0.19 5.03 28.01
N LYS A 110 0.54 4.05 27.14
CA LYS A 110 1.82 4.09 26.41
C LYS A 110 1.88 5.25 25.42
N VAL A 111 0.85 5.39 24.57
CA VAL A 111 0.74 6.43 23.55
C VAL A 111 0.67 7.84 24.20
N LYS A 112 -0.06 7.97 25.32
CA LYS A 112 -0.16 9.23 26.07
C LYS A 112 1.19 9.71 26.60
N SER A 113 2.05 8.77 27.08
CA SER A 113 3.39 9.09 27.58
C SER A 113 4.35 9.53 26.46
N ILE A 114 4.16 8.99 25.23
CA ILE A 114 4.97 9.36 24.05
C ILE A 114 4.60 10.80 23.66
N ILE A 115 3.29 11.11 23.61
CA ILE A 115 2.74 12.44 23.28
C ILE A 115 3.25 13.48 24.30
N GLU A 116 3.19 13.13 25.60
CA GLU A 116 3.65 13.93 26.74
C GLU A 116 5.14 14.29 26.59
N GLY A 117 5.95 13.29 26.27
CA GLY A 117 7.39 13.45 26.04
C GLY A 117 7.72 14.37 24.88
N ILE A 118 6.92 14.30 23.79
CA ILE A 118 7.09 15.18 22.61
C ILE A 118 6.66 16.63 22.95
N ILE A 119 5.56 16.81 23.70
CA ILE A 119 5.10 18.14 24.12
C ILE A 119 6.23 18.88 24.88
N GLU A 120 6.93 18.16 25.77
CA GLU A 120 8.02 18.64 26.63
C GLU A 120 9.27 19.15 25.89
N ASP A 121 9.84 18.38 24.93
CA ASP A 121 11.07 18.85 24.28
C ASP A 121 11.09 18.78 22.75
N GLY A 122 9.95 18.49 22.13
CA GLY A 122 9.83 18.43 20.68
C GLY A 122 10.45 17.19 20.06
N GLU A 123 10.75 16.18 20.89
CA GLU A 123 11.31 14.91 20.42
C GLU A 123 10.90 13.73 21.31
N SER A 124 10.89 12.53 20.72
CA SER A 124 10.55 11.30 21.41
C SER A 124 11.83 10.53 21.74
N SER A 125 12.08 10.28 23.04
CA SER A 125 13.23 9.49 23.51
C SER A 125 13.03 7.99 23.14
N GLU A 126 11.76 7.54 23.01
CA GLU A 126 11.40 6.17 22.64
C GLU A 126 11.68 5.93 21.15
N ALA A 127 11.30 6.89 20.27
CA ALA A 127 11.55 6.77 18.84
C ALA A 127 13.03 6.92 18.50
N LYS A 128 13.74 7.80 19.23
CA LYS A 128 15.18 8.05 19.09
C LYS A 128 16.01 6.79 19.38
N ALA A 129 15.64 6.02 20.43
CA ALA A 129 16.28 4.76 20.79
C ALA A 129 16.10 3.69 19.68
N VAL A 130 14.92 3.66 19.02
CA VAL A 130 14.62 2.74 17.91
C VAL A 130 15.54 3.10 16.71
N LEU A 131 15.69 4.41 16.40
CA LEU A 131 16.54 4.91 15.29
C LEU A 131 18.03 4.56 15.48
N ASN A 132 18.46 4.35 16.73
CA ASN A 132 19.83 3.97 17.12
C ASN A 132 19.99 2.46 17.33
N ASP A 133 18.87 1.70 17.31
CA ASP A 133 18.88 0.25 17.48
C ASP A 133 19.47 -0.40 16.24
N GLU A 134 20.43 -1.29 16.45
CA GLU A 134 21.15 -2.00 15.38
C GLU A 134 20.28 -2.96 14.58
N ARG A 135 19.34 -3.65 15.25
CA ARG A 135 18.43 -4.58 14.56
C ARG A 135 17.45 -3.78 13.66
N TYR A 136 16.91 -2.64 14.17
CA TYR A 136 16.00 -1.76 13.41
C TYR A 136 16.70 -1.19 12.16
N LYS A 137 17.93 -0.65 12.33
CA LYS A 137 18.72 -0.06 11.23
C LYS A 137 19.01 -1.06 10.11
N SER A 138 19.41 -2.30 10.46
CA SER A 138 19.72 -3.39 9.53
C SER A 138 18.50 -3.84 8.76
N PHE A 139 17.39 -4.11 9.47
CA PHE A 139 16.12 -4.56 8.89
C PHE A 139 15.53 -3.54 7.92
N LYS A 140 15.58 -2.25 8.31
CA LYS A 140 15.12 -1.10 7.53
C LYS A 140 15.91 -0.98 6.21
N LEU A 141 17.24 -1.10 6.28
CA LEU A 141 18.15 -1.07 5.13
C LEU A 141 17.98 -2.31 4.19
N PHE A 142 17.95 -3.53 4.77
CA PHE A 142 17.84 -4.78 4.00
C PHE A 142 16.48 -4.91 3.30
N THR A 143 15.38 -4.58 4.02
CA THR A 143 14.03 -4.63 3.42
C THR A 143 13.78 -3.47 2.45
N SER A 144 14.72 -2.52 2.32
CA SER A 144 14.61 -1.45 1.32
C SER A 144 15.01 -1.97 -0.08
N VAL A 145 15.57 -3.20 -0.16
CA VAL A 145 15.92 -3.88 -1.41
C VAL A 145 14.68 -4.69 -1.84
N PHE A 146 14.15 -4.42 -3.05
CA PHE A 146 12.98 -5.12 -3.61
C PHE A 146 13.25 -6.62 -3.66
N GLY A 147 12.36 -7.41 -3.03
CA GLY A 147 12.48 -8.86 -2.94
C GLY A 147 13.02 -9.41 -1.63
N VAL A 148 13.35 -8.52 -0.67
CA VAL A 148 13.89 -8.89 0.63
C VAL A 148 12.81 -8.78 1.71
N GLY A 149 12.36 -9.94 2.19
CA GLY A 149 11.38 -10.06 3.24
C GLY A 149 12.05 -10.24 4.60
N LEU A 150 11.24 -10.36 5.67
CA LEU A 150 11.70 -10.48 7.06
C LEU A 150 12.60 -11.70 7.33
N LYS A 151 12.38 -12.84 6.62
CA LYS A 151 13.18 -14.06 6.76
C LYS A 151 14.60 -13.88 6.22
N THR A 152 14.75 -13.26 5.03
CA THR A 152 16.05 -12.97 4.40
C THR A 152 16.83 -11.89 5.21
N ALA A 153 16.16 -10.82 5.66
CA ALA A 153 16.79 -9.75 6.44
C ALA A 153 17.36 -10.24 7.80
N GLU A 154 16.68 -11.21 8.46
CA GLU A 154 17.10 -11.83 9.73
C GLU A 154 18.33 -12.72 9.50
N LYS A 155 18.28 -13.51 8.43
CA LYS A 155 19.33 -14.39 7.95
C LYS A 155 20.65 -13.58 7.80
N TRP A 156 20.59 -12.44 7.09
CA TRP A 156 21.74 -11.57 6.85
C TRP A 156 22.28 -10.92 8.13
N PHE A 157 21.37 -10.50 9.04
CA PHE A 157 21.71 -9.90 10.33
C PHE A 157 22.47 -10.88 11.26
N ARG A 158 22.01 -12.16 11.33
CA ARG A 158 22.60 -13.23 12.15
C ARG A 158 23.96 -13.73 11.60
N MET A 159 24.25 -13.45 10.32
CA MET A 159 25.54 -13.73 9.66
C MET A 159 26.58 -12.61 9.98
N GLY A 160 26.14 -11.50 10.55
CA GLY A 160 26.98 -10.36 10.91
C GLY A 160 26.97 -9.21 9.92
N PHE A 161 26.15 -9.29 8.86
CA PHE A 161 26.08 -8.23 7.85
C PHE A 161 25.34 -6.99 8.36
N ARG A 162 25.83 -5.78 8.00
CA ARG A 162 25.23 -4.50 8.40
C ARG A 162 25.10 -3.53 7.22
N THR A 163 25.77 -3.81 6.08
CA THR A 163 25.75 -2.93 4.91
C THR A 163 25.42 -3.69 3.62
N LEU A 164 24.86 -2.97 2.63
CA LEU A 164 24.49 -3.55 1.34
C LEU A 164 25.68 -3.89 0.43
N SER A 165 26.81 -3.17 0.57
CA SER A 165 28.00 -3.44 -0.23
C SER A 165 28.63 -4.79 0.13
N LYS A 166 28.66 -5.14 1.45
CA LYS A 166 29.20 -6.41 1.95
C LYS A 166 28.33 -7.60 1.52
N ILE A 167 26.99 -7.41 1.50
CA ILE A 167 26.01 -8.42 1.07
C ILE A 167 26.18 -8.73 -0.43
N GLN A 168 26.23 -7.65 -1.26
CA GLN A 168 26.38 -7.71 -2.72
C GLN A 168 27.67 -8.32 -3.21
N SER A 169 28.77 -8.16 -2.45
CA SER A 169 30.09 -8.69 -2.80
C SER A 169 30.46 -9.99 -2.10
N ASP A 170 29.59 -10.53 -1.23
CA ASP A 170 29.86 -11.82 -0.57
C ASP A 170 29.85 -12.98 -1.62
N LYS A 171 30.90 -13.82 -1.59
CA LYS A 171 31.13 -14.94 -2.52
C LYS A 171 30.19 -16.15 -2.36
N SER A 172 29.57 -16.33 -1.18
CA SER A 172 28.74 -17.50 -0.88
C SER A 172 27.24 -17.29 -0.99
N LEU A 173 26.76 -16.06 -0.77
CA LEU A 173 25.33 -15.72 -0.81
C LEU A 173 24.66 -15.97 -2.16
N ARG A 174 23.44 -16.51 -2.12
CA ARG A 174 22.63 -16.77 -3.32
C ARG A 174 21.42 -15.87 -3.28
N PHE A 175 21.07 -15.29 -4.42
CA PHE A 175 19.94 -14.35 -4.45
C PHE A 175 18.83 -14.81 -5.38
N THR A 176 17.57 -14.43 -5.06
CA THR A 176 16.42 -14.76 -5.92
C THR A 176 16.44 -13.78 -7.12
N GLN A 177 15.64 -14.07 -8.16
CA GLN A 177 15.54 -13.20 -9.34
C GLN A 177 14.97 -11.83 -8.97
N MET A 178 14.06 -11.79 -7.98
CA MET A 178 13.41 -10.58 -7.48
C MET A 178 14.43 -9.68 -6.74
N GLN A 179 15.31 -10.32 -5.94
CA GLN A 179 16.37 -9.65 -5.16
C GLN A 179 17.43 -9.11 -6.11
N LYS A 180 17.68 -9.83 -7.22
CA LYS A 180 18.61 -9.44 -8.27
C LYS A 180 18.15 -8.14 -8.96
N ALA A 181 16.85 -8.05 -9.28
CA ALA A 181 16.20 -6.85 -9.85
C ALA A 181 16.27 -5.69 -8.82
N GLY A 182 16.00 -6.00 -7.54
CA GLY A 182 16.08 -5.05 -6.43
C GLY A 182 17.45 -4.38 -6.28
N PHE A 183 18.53 -5.17 -6.41
CA PHE A 183 19.91 -4.65 -6.36
C PHE A 183 20.32 -3.91 -7.65
N LEU A 184 19.95 -4.45 -8.82
CA LEU A 184 20.29 -3.85 -10.12
C LEU A 184 19.61 -2.49 -10.35
N TYR A 185 18.38 -2.31 -9.84
CA TYR A 185 17.64 -1.06 -10.02
C TYR A 185 17.43 -0.30 -8.70
N TYR A 186 18.32 -0.53 -7.69
CA TYR A 186 18.25 0.02 -6.33
C TYR A 186 17.99 1.53 -6.21
N GLU A 187 18.84 2.39 -6.82
CA GLU A 187 18.73 3.85 -6.72
C GLU A 187 17.43 4.42 -7.32
N ASP A 188 16.97 3.84 -8.45
CA ASP A 188 15.71 4.23 -9.08
C ASP A 188 14.50 3.84 -8.23
N LEU A 189 14.56 2.68 -7.55
CA LEU A 189 13.45 2.20 -6.74
C LEU A 189 13.38 2.90 -5.37
N VAL A 190 14.55 3.25 -4.77
CA VAL A 190 14.67 3.96 -3.50
C VAL A 190 14.17 5.40 -3.65
N SER A 191 14.36 5.99 -4.84
CA SER A 191 13.80 7.29 -5.17
C SER A 191 12.33 6.98 -5.50
N CYS A 192 11.41 7.84 -5.11
CA CYS A 192 10.02 7.46 -5.37
C CYS A 192 9.50 7.95 -6.71
N VAL A 193 8.38 7.37 -7.14
CA VAL A 193 7.70 7.72 -8.39
C VAL A 193 6.93 9.03 -8.09
N ASN A 194 6.93 10.00 -9.03
CA ASN A 194 6.18 11.25 -8.90
C ASN A 194 4.95 11.20 -9.82
N ARG A 195 4.00 12.16 -9.70
CA ARG A 195 2.79 12.20 -10.53
C ARG A 195 3.09 12.28 -12.05
N PRO A 196 4.04 13.12 -12.58
CA PRO A 196 4.33 13.06 -14.03
C PRO A 196 4.76 11.67 -14.52
N GLU A 197 5.64 10.94 -13.76
CA GLU A 197 6.09 9.57 -14.07
C GLU A 197 4.92 8.57 -14.01
N ALA A 198 4.01 8.70 -13.01
CA ALA A 198 2.83 7.85 -12.84
C ALA A 198 1.88 7.95 -14.05
N GLU A 199 1.71 9.17 -14.60
CA GLU A 199 0.87 9.43 -15.77
C GLU A 199 1.51 8.90 -17.06
N ALA A 200 2.87 8.90 -17.14
CA ALA A 200 3.60 8.39 -18.29
C ALA A 200 3.53 6.86 -18.33
N VAL A 201 3.48 6.22 -17.14
CA VAL A 201 3.34 4.77 -16.99
C VAL A 201 1.91 4.41 -17.37
N SER A 202 0.93 5.25 -16.95
CA SER A 202 -0.49 5.10 -17.28
C SER A 202 -0.71 5.04 -18.79
N MET A 203 0.07 5.82 -19.57
CA MET A 203 0.00 5.82 -21.03
C MET A 203 0.48 4.49 -21.61
N LEU A 204 1.54 3.90 -21.00
CA LEU A 204 2.11 2.61 -21.41
C LEU A 204 1.15 1.46 -21.17
N VAL A 205 0.48 1.46 -19.99
CA VAL A 205 -0.53 0.47 -19.59
C VAL A 205 -1.73 0.54 -20.55
N LYS A 206 -2.24 1.76 -20.81
CA LYS A 206 -3.38 1.99 -21.70
C LYS A 206 -3.12 1.52 -23.15
N GLU A 207 -1.93 1.83 -23.71
CA GLU A 207 -1.55 1.41 -25.07
C GLU A 207 -1.52 -0.12 -25.20
N ALA A 208 -0.89 -0.82 -24.23
CA ALA A 208 -0.73 -2.28 -24.19
C ALA A 208 -2.07 -3.00 -24.03
N VAL A 209 -2.90 -2.58 -23.06
CA VAL A 209 -4.22 -3.16 -22.76
C VAL A 209 -5.19 -3.08 -23.98
N VAL A 210 -5.33 -1.89 -24.58
CA VAL A 210 -6.22 -1.57 -25.71
C VAL A 210 -5.82 -2.32 -27.00
N THR A 211 -4.57 -2.85 -27.08
CA THR A 211 -4.12 -3.66 -28.20
C THR A 211 -4.88 -5.02 -28.19
N PHE A 212 -5.27 -5.51 -26.99
CA PHE A 212 -5.95 -6.78 -26.80
C PHE A 212 -7.43 -6.65 -26.41
N LEU A 213 -7.80 -5.57 -25.67
CA LEU A 213 -9.19 -5.28 -25.30
C LEU A 213 -9.49 -3.78 -25.58
N PRO A 214 -9.95 -3.42 -26.80
CA PRO A 214 -10.15 -1.99 -27.12
C PRO A 214 -11.18 -1.23 -26.26
N ASP A 215 -12.12 -1.94 -25.62
CA ASP A 215 -13.15 -1.34 -24.75
C ASP A 215 -12.74 -1.28 -23.26
N ALA A 216 -11.52 -1.71 -22.94
CA ALA A 216 -11.04 -1.76 -21.55
C ALA A 216 -10.82 -0.41 -20.89
N LEU A 217 -11.20 -0.33 -19.61
CA LEU A 217 -11.05 0.88 -18.79
C LEU A 217 -9.92 0.69 -17.78
N VAL A 218 -8.93 1.59 -17.83
CA VAL A 218 -7.76 1.57 -16.95
C VAL A 218 -7.90 2.72 -15.93
N THR A 219 -7.96 2.37 -14.64
CA THR A 219 -8.08 3.34 -13.56
C THR A 219 -6.83 3.28 -12.67
N MET A 220 -6.23 4.46 -12.41
CA MET A 220 -5.10 4.56 -11.50
C MET A 220 -5.68 4.54 -10.07
N THR A 221 -5.19 3.60 -9.24
CA THR A 221 -5.64 3.36 -7.87
C THR A 221 -4.51 3.68 -6.86
N GLY A 222 -4.57 3.10 -5.66
CA GLY A 222 -3.57 3.31 -4.61
C GLY A 222 -3.42 4.76 -4.20
N GLY A 223 -2.23 5.09 -3.73
CA GLY A 223 -1.85 6.40 -3.20
C GLY A 223 -2.08 7.57 -4.12
N PHE A 224 -1.77 7.41 -5.44
CA PHE A 224 -2.03 8.43 -6.46
C PHE A 224 -3.52 8.77 -6.58
N ARG A 225 -4.44 7.78 -6.45
CA ARG A 225 -5.90 8.04 -6.49
C ARG A 225 -6.34 8.91 -5.28
N ARG A 226 -5.64 8.78 -4.14
CA ARG A 226 -5.88 9.53 -2.90
C ARG A 226 -5.25 10.95 -2.92
N GLY A 227 -4.66 11.34 -4.06
CA GLY A 227 -4.07 12.65 -4.22
C GLY A 227 -2.61 12.77 -3.77
N LYS A 228 -1.93 11.64 -3.49
CA LYS A 228 -0.51 11.70 -3.13
C LYS A 228 0.29 12.14 -4.38
N MET A 229 1.34 12.91 -4.15
CA MET A 229 2.20 13.40 -5.20
C MET A 229 3.39 12.47 -5.45
N THR A 230 3.58 11.47 -4.56
CA THR A 230 4.62 10.43 -4.66
C THR A 230 4.09 9.03 -4.26
N GLY A 231 4.78 8.00 -4.71
CA GLY A 231 4.46 6.63 -4.36
C GLY A 231 5.64 5.69 -4.55
N HIS A 232 5.62 4.54 -3.82
CA HIS A 232 6.65 3.51 -3.97
CA HIS A 232 6.65 3.50 -3.96
C HIS A 232 6.44 2.75 -5.30
N ASP A 233 5.20 2.80 -5.83
CA ASP A 233 4.81 2.18 -7.09
C ASP A 233 3.65 2.98 -7.73
N VAL A 234 3.11 2.46 -8.84
CA VAL A 234 1.93 2.98 -9.53
C VAL A 234 0.97 1.77 -9.62
N ASP A 235 -0.26 1.93 -9.12
CA ASP A 235 -1.28 0.88 -9.07
C ASP A 235 -2.37 1.13 -10.11
N PHE A 236 -2.83 0.03 -10.77
CA PHE A 236 -3.87 0.06 -11.78
C PHE A 236 -4.91 -1.04 -11.63
N LEU A 237 -6.15 -0.69 -11.98
CA LEU A 237 -7.26 -1.61 -12.01
C LEU A 237 -7.80 -1.60 -13.44
N ILE A 238 -7.78 -2.77 -14.09
CA ILE A 238 -8.22 -2.96 -15.48
C ILE A 238 -9.52 -3.76 -15.51
N THR A 239 -10.50 -3.25 -16.24
CA THR A 239 -11.81 -3.89 -16.37
C THR A 239 -12.33 -3.74 -17.79
N SER A 240 -13.12 -4.73 -18.24
CA SER A 240 -13.68 -4.71 -19.59
C SER A 240 -15.11 -5.26 -19.63
N PRO A 241 -16.12 -4.44 -20.04
CA PRO A 241 -17.50 -4.97 -20.10
C PRO A 241 -17.74 -6.11 -21.10
N GLU A 242 -17.03 -6.12 -22.25
CA GLU A 242 -17.23 -7.14 -23.29
C GLU A 242 -16.32 -8.40 -23.19
N ALA A 243 -15.26 -8.37 -22.35
CA ALA A 243 -14.33 -9.49 -22.19
C ALA A 243 -14.94 -10.79 -21.66
N THR A 244 -14.43 -11.93 -22.19
CA THR A 244 -14.82 -13.29 -21.79
C THR A 244 -13.86 -13.77 -20.68
N GLU A 245 -14.19 -14.87 -19.97
CA GLU A 245 -13.39 -15.43 -18.88
C GLU A 245 -11.97 -15.79 -19.35
N ASP A 246 -11.81 -16.41 -20.54
CA ASP A 246 -10.50 -16.73 -21.11
C ASP A 246 -9.73 -15.47 -21.50
N GLU A 247 -10.43 -14.42 -21.98
CA GLU A 247 -9.84 -13.11 -22.32
C GLU A 247 -9.31 -12.40 -21.07
N GLU A 248 -10.10 -12.39 -19.97
CA GLU A 248 -9.74 -11.79 -18.67
C GLU A 248 -8.55 -12.50 -18.07
N GLN A 249 -8.48 -13.84 -18.23
CA GLN A 249 -7.41 -14.68 -17.70
C GLN A 249 -6.10 -14.59 -18.48
N GLN A 250 -6.16 -14.16 -19.76
CA GLN A 250 -5.00 -14.04 -20.63
C GLN A 250 -4.50 -12.61 -20.88
N LEU A 251 -5.25 -11.57 -20.43
CA LEU A 251 -4.87 -10.17 -20.70
C LEU A 251 -3.52 -9.77 -20.11
N LEU A 252 -3.29 -10.01 -18.80
CA LEU A 252 -2.03 -9.64 -18.16
C LEU A 252 -0.81 -10.37 -18.77
N HIS A 253 -1.03 -11.61 -19.30
CA HIS A 253 -0.02 -12.41 -19.99
C HIS A 253 0.36 -11.71 -21.32
N LYS A 254 -0.67 -11.24 -22.08
CA LYS A 254 -0.51 -10.53 -23.36
C LYS A 254 0.14 -9.14 -23.19
N VAL A 255 -0.27 -8.39 -22.15
CA VAL A 255 0.26 -7.05 -21.84
C VAL A 255 1.78 -7.11 -21.51
N THR A 256 2.19 -8.05 -20.63
CA THR A 256 3.59 -8.21 -20.24
C THR A 256 4.45 -8.72 -21.40
N ASP A 257 3.89 -9.56 -22.30
CA ASP A 257 4.57 -10.08 -23.49
C ASP A 257 4.81 -8.95 -24.50
N PHE A 258 3.85 -8.02 -24.61
CA PHE A 258 3.89 -6.81 -25.46
C PHE A 258 5.04 -5.89 -25.01
N TRP A 259 5.15 -5.64 -23.68
CA TRP A 259 6.20 -4.83 -23.05
C TRP A 259 7.58 -5.48 -23.24
N LYS A 260 7.64 -6.84 -23.16
CA LYS A 260 8.86 -7.63 -23.34
C LYS A 260 9.42 -7.48 -24.77
N GLN A 261 8.52 -7.46 -25.78
CA GLN A 261 8.87 -7.31 -27.20
C GLN A 261 9.34 -5.90 -27.51
N GLN A 262 8.82 -4.90 -26.78
CA GLN A 262 9.18 -3.48 -26.93
C GLN A 262 10.46 -3.14 -26.14
N GLY A 263 10.97 -4.12 -25.39
CA GLY A 263 12.16 -3.99 -24.57
C GLY A 263 11.95 -3.15 -23.33
N LEU A 264 10.71 -3.12 -22.80
CA LEU A 264 10.34 -2.31 -21.63
C LEU A 264 10.21 -3.10 -20.32
N LEU A 265 10.17 -4.44 -20.38
CA LEU A 265 10.06 -5.29 -19.21
C LEU A 265 11.43 -5.54 -18.53
N LEU A 266 11.58 -5.15 -17.26
CA LEU A 266 12.83 -5.35 -16.51
C LEU A 266 12.70 -6.50 -15.52
N TYR A 267 11.47 -6.74 -15.03
CA TYR A 267 11.12 -7.81 -14.10
C TYR A 267 9.61 -8.00 -14.13
N HIS A 268 9.16 -9.25 -13.92
CA HIS A 268 7.75 -9.58 -13.88
C HIS A 268 7.50 -10.82 -13.00
N GLN A 269 6.36 -10.85 -12.28
CA GLN A 269 5.90 -11.97 -11.45
C GLN A 269 4.40 -11.89 -11.18
N TYR A 270 3.73 -13.05 -11.07
CA TYR A 270 2.32 -13.13 -10.70
C TYR A 270 2.26 -13.34 -9.18
N HIS A 271 1.34 -12.63 -8.50
CA HIS A 271 1.15 -12.68 -7.04
C HIS A 271 0.89 -14.11 -6.49
N ARG A 272 0.32 -15.01 -7.33
CA ARG A 272 -0.01 -16.41 -7.01
C ARG A 272 1.21 -17.23 -6.54
N SER A 273 2.42 -16.87 -7.03
CA SER A 273 3.68 -17.53 -6.68
C SER A 273 4.63 -16.53 -5.97
N HIS A 274 4.23 -15.95 -4.80
CA HIS A 274 5.08 -14.98 -4.10
C HIS A 274 5.26 -15.25 -2.57
N LEU A 275 4.15 -15.27 -1.78
CA LEU A 275 4.10 -15.40 -0.31
C LEU A 275 4.67 -14.12 0.35
N ALA A 276 3.80 -13.11 0.51
CA ALA A 276 4.16 -11.81 1.07
C ALA A 276 4.02 -11.71 2.59
N ASP A 277 4.84 -10.83 3.20
CA ASP A 277 4.81 -10.56 4.65
C ASP A 277 3.53 -9.76 4.97
N SER A 278 3.11 -9.77 6.25
CA SER A 278 1.90 -9.08 6.74
C SER A 278 1.67 -7.67 6.16
N ALA A 279 2.74 -6.84 6.02
CA ALA A 279 2.63 -5.48 5.46
C ALA A 279 1.95 -5.40 4.07
N HIS A 280 2.14 -6.43 3.21
CA HIS A 280 1.59 -6.48 1.85
C HIS A 280 0.46 -7.53 1.67
N ASN A 281 0.01 -8.18 2.76
CA ASN A 281 -1.04 -9.20 2.75
C ASN A 281 -2.43 -8.56 2.85
N LEU A 282 -3.27 -8.73 1.80
CA LEU A 282 -4.62 -8.15 1.71
C LEU A 282 -5.65 -8.86 2.62
N ARG A 283 -5.30 -10.05 3.17
CA ARG A 283 -6.13 -10.83 4.11
C ARG A 283 -7.49 -11.25 3.49
N GLN A 284 -7.47 -11.61 2.20
CA GLN A 284 -8.66 -12.01 1.45
C GLN A 284 -8.79 -13.54 1.39
N ARG A 285 -10.04 -14.04 1.24
CA ARG A 285 -10.34 -15.46 1.05
C ARG A 285 -9.71 -15.91 -0.27
N SER A 286 -9.29 -17.19 -0.34
CA SER A 286 -8.69 -17.74 -1.58
C SER A 286 -9.69 -17.75 -2.76
N SER A 287 -11.00 -18.02 -2.49
CA SER A 287 -12.05 -17.99 -3.53
C SER A 287 -12.31 -16.56 -4.03
N THR A 288 -12.05 -15.54 -3.18
CA THR A 288 -12.16 -14.11 -3.55
C THR A 288 -11.03 -13.75 -4.52
N MET A 289 -9.78 -14.19 -4.22
CA MET A 289 -8.59 -13.94 -5.04
C MET A 289 -8.60 -14.64 -6.41
N ASP A 290 -9.28 -15.80 -6.53
CA ASP A 290 -9.44 -16.61 -7.77
C ASP A 290 -10.14 -15.83 -8.90
N VAL A 291 -11.05 -14.92 -8.49
CA VAL A 291 -11.85 -14.00 -9.30
C VAL A 291 -10.94 -13.00 -10.07
N PHE A 292 -9.78 -12.63 -9.49
CA PHE A 292 -8.86 -11.65 -10.08
C PHE A 292 -7.62 -12.26 -10.71
N GLU A 293 -6.92 -11.46 -11.53
CA GLU A 293 -5.63 -11.76 -12.12
C GLU A 293 -4.70 -10.63 -11.62
N ARG A 294 -3.59 -11.01 -10.98
CA ARG A 294 -2.65 -10.07 -10.35
C ARG A 294 -1.22 -10.23 -10.83
N SER A 295 -0.61 -9.10 -11.22
CA SER A 295 0.75 -9.07 -11.75
C SER A 295 1.54 -7.85 -11.23
N PHE A 296 2.84 -8.05 -10.92
CA PHE A 296 3.70 -6.94 -10.53
C PHE A 296 4.98 -6.93 -11.37
N CYS A 297 5.28 -5.77 -11.95
CA CYS A 297 6.42 -5.58 -12.86
C CYS A 297 7.35 -4.47 -12.41
N ILE A 298 8.47 -4.35 -13.15
CA ILE A 298 9.42 -3.24 -13.12
C ILE A 298 9.50 -2.82 -14.61
N LEU A 299 9.10 -1.57 -14.92
CA LEU A 299 9.12 -1.05 -16.29
C LEU A 299 10.24 -0.03 -16.51
N LYS A 300 10.78 -0.01 -17.74
CA LYS A 300 11.81 0.92 -18.16
C LYS A 300 11.08 2.19 -18.67
N LEU A 301 11.08 3.27 -17.88
CA LEU A 301 10.40 4.51 -18.26
C LEU A 301 11.37 5.52 -18.83
N ASP A 302 11.31 5.74 -20.16
CA ASP A 302 12.17 6.69 -20.86
C ASP A 302 11.79 8.12 -20.49
N HIS A 303 12.79 8.98 -20.21
CA HIS A 303 12.60 10.39 -19.81
C HIS A 303 11.81 11.22 -20.84
N GLY A 304 11.92 10.84 -22.13
CA GLY A 304 11.21 11.46 -23.24
C GLY A 304 9.70 11.28 -23.23
N ARG A 305 9.19 10.35 -22.39
CA ARG A 305 7.76 10.06 -22.23
C ARG A 305 7.15 10.87 -21.07
N VAL A 306 8.01 11.44 -20.19
CA VAL A 306 7.60 12.20 -19.00
C VAL A 306 7.47 13.70 -19.30
N HIS A 307 6.27 14.27 -19.07
CA HIS A 307 6.00 15.70 -19.27
C HIS A 307 6.01 16.39 -17.88
N SER A 308 7.18 16.89 -17.48
CA SER A 308 7.38 17.55 -16.18
C SER A 308 8.06 18.92 -16.32
N GLU A 309 8.32 19.60 -15.16
CA GLU A 309 8.99 20.91 -15.09
C GLU A 309 10.44 20.88 -15.62
N GLU A 315 20.97 14.56 -17.64
CA GLU A 315 20.15 13.54 -18.28
C GLU A 315 20.41 12.13 -17.71
N GLY A 316 21.69 11.72 -17.69
CA GLY A 316 22.10 10.41 -17.19
C GLY A 316 21.90 9.29 -18.19
N LYS A 317 21.35 8.14 -17.72
CA LYS A 317 21.10 6.96 -18.57
C LYS A 317 19.90 7.12 -19.52
N GLY A 318 19.05 8.13 -19.27
CA GLY A 318 17.91 8.46 -20.11
C GLY A 318 16.61 7.74 -19.82
N TRP A 319 16.59 6.90 -18.75
CA TRP A 319 15.41 6.15 -18.33
C TRP A 319 15.40 5.90 -16.81
N LYS A 320 14.23 5.51 -16.26
CA LYS A 320 14.07 5.22 -14.83
C LYS A 320 13.24 3.94 -14.63
N ALA A 321 13.71 3.05 -13.72
CA ALA A 321 13.02 1.80 -13.38
C ALA A 321 11.83 2.12 -12.46
N ILE A 322 10.63 1.65 -12.82
CA ILE A 322 9.40 1.94 -12.07
C ILE A 322 8.63 0.66 -11.72
N ARG A 323 8.19 0.56 -10.46
CA ARG A 323 7.35 -0.54 -10.00
C ARG A 323 5.90 -0.25 -10.39
N VAL A 324 5.25 -1.26 -11.00
CA VAL A 324 3.87 -1.20 -11.48
C VAL A 324 3.13 -2.45 -10.94
N ASP A 325 1.96 -2.24 -10.34
CA ASP A 325 1.09 -3.29 -9.81
C ASP A 325 -0.20 -3.26 -10.62
N LEU A 326 -0.54 -4.41 -11.25
CA LEU A 326 -1.70 -4.57 -12.11
C LEU A 326 -2.76 -5.54 -11.60
N VAL A 327 -4.04 -5.09 -11.62
CA VAL A 327 -5.19 -5.91 -11.19
C VAL A 327 -6.21 -5.94 -12.32
N MET A 328 -6.60 -7.16 -12.75
CA MET A 328 -7.64 -7.43 -13.74
C MET A 328 -8.86 -7.94 -12.95
N CYS A 329 -10.01 -7.28 -13.09
CA CYS A 329 -11.17 -7.74 -12.33
C CYS A 329 -12.42 -7.90 -13.20
N PRO A 330 -13.34 -8.85 -12.87
CA PRO A 330 -14.57 -8.98 -13.69
C PRO A 330 -15.42 -7.71 -13.58
N TYR A 331 -15.97 -7.26 -14.73
CA TYR A 331 -16.75 -6.04 -14.86
C TYR A 331 -17.78 -5.80 -13.74
N ASP A 332 -18.53 -6.85 -13.34
CA ASP A 332 -19.58 -6.79 -12.33
C ASP A 332 -19.06 -6.57 -10.89
N ARG A 333 -17.76 -6.81 -10.66
CA ARG A 333 -17.15 -6.64 -9.33
C ARG A 333 -16.30 -5.35 -9.22
N ARG A 334 -16.34 -4.47 -10.26
CA ARG A 334 -15.52 -3.25 -10.36
C ARG A 334 -15.63 -2.26 -9.17
N ALA A 335 -16.86 -2.03 -8.61
CA ALA A 335 -17.04 -1.10 -7.49
C ALA A 335 -16.32 -1.60 -6.23
N PHE A 336 -16.38 -2.92 -5.95
CA PHE A 336 -15.71 -3.52 -4.79
C PHE A 336 -14.18 -3.55 -4.92
N ALA A 337 -13.68 -3.74 -6.15
CA ALA A 337 -12.25 -3.78 -6.47
C ALA A 337 -11.63 -2.37 -6.43
N LEU A 338 -12.38 -1.35 -6.90
CA LEU A 338 -11.92 0.04 -6.88
C LEU A 338 -11.79 0.47 -5.42
N LEU A 339 -12.81 0.16 -4.58
CA LEU A 339 -12.80 0.48 -3.17
C LEU A 339 -11.62 -0.18 -2.46
N GLY A 340 -11.42 -1.48 -2.68
CA GLY A 340 -10.35 -2.29 -2.09
C GLY A 340 -8.93 -1.94 -2.48
N TRP A 341 -8.69 -1.52 -3.74
CA TRP A 341 -7.32 -1.20 -4.18
C TRP A 341 -6.96 0.31 -4.13
N THR A 342 -7.94 1.20 -3.83
CA THR A 342 -7.71 2.64 -3.65
C THR A 342 -6.97 2.86 -2.31
N GLY A 343 -7.29 2.05 -1.29
CA GLY A 343 -6.69 2.20 0.03
C GLY A 343 -7.18 3.41 0.84
N SER A 344 -6.43 3.87 1.86
CA SER A 344 -5.15 3.29 2.34
C SER A 344 -5.34 1.92 3.04
N ARG A 345 -4.22 1.26 3.41
CA ARG A 345 -4.25 0.01 4.13
C ARG A 345 -5.13 0.14 5.43
N GLN A 346 -4.96 1.24 6.21
CA GLN A 346 -5.71 1.55 7.45
C GLN A 346 -7.20 1.78 7.18
N PHE A 347 -7.52 2.47 6.10
CA PHE A 347 -8.91 2.68 5.71
C PHE A 347 -9.63 1.35 5.38
N GLU A 348 -8.93 0.42 4.66
CA GLU A 348 -9.43 -0.90 4.25
C GLU A 348 -9.73 -1.82 5.41
N ARG A 349 -8.74 -1.96 6.32
CA ARG A 349 -8.87 -2.86 7.46
C ARG A 349 -9.93 -2.36 8.45
N ASP A 350 -10.14 -1.01 8.56
CA ASP A 350 -11.17 -0.46 9.43
C ASP A 350 -12.56 -0.56 8.79
N LEU A 351 -12.67 -0.45 7.46
CA LEU A 351 -13.91 -0.66 6.70
C LEU A 351 -14.42 -2.10 7.01
N ARG A 352 -13.53 -3.11 6.91
CA ARG A 352 -13.84 -4.52 7.17
C ARG A 352 -14.14 -4.80 8.64
N ARG A 353 -13.41 -4.14 9.55
CA ARG A 353 -13.60 -4.29 11.00
C ARG A 353 -14.94 -3.71 11.39
N TYR A 354 -15.31 -2.57 10.80
CA TYR A 354 -16.61 -1.91 11.02
C TYR A 354 -17.73 -2.83 10.52
N ALA A 355 -17.63 -3.34 9.27
CA ALA A 355 -18.57 -4.25 8.63
C ALA A 355 -18.87 -5.44 9.55
N THR A 356 -17.82 -6.14 10.03
CA THR A 356 -17.90 -7.32 10.90
C THR A 356 -18.52 -7.06 12.29
N HIS A 357 -17.92 -6.11 13.06
CA HIS A 357 -18.28 -5.82 14.44
C HIS A 357 -19.46 -4.85 14.65
N GLU A 358 -19.78 -4.01 13.67
CA GLU A 358 -20.90 -3.05 13.82
C GLU A 358 -22.13 -3.40 13.00
N ARG A 359 -21.93 -4.06 11.85
CA ARG A 359 -23.02 -4.34 10.94
C ARG A 359 -23.33 -5.83 10.72
N LYS A 360 -22.48 -6.74 11.29
CA LYS A 360 -22.58 -8.20 11.11
C LYS A 360 -22.58 -8.53 9.59
N MET A 361 -21.66 -7.86 8.88
CA MET A 361 -21.45 -7.96 7.45
C MET A 361 -20.04 -8.44 7.15
N MET A 362 -19.81 -8.89 5.93
CA MET A 362 -18.52 -9.40 5.48
C MET A 362 -18.17 -8.72 4.16
N LEU A 363 -17.15 -7.86 4.21
CA LEU A 363 -16.68 -7.10 3.05
C LEU A 363 -15.32 -7.58 2.60
N ASP A 364 -15.15 -7.71 1.29
CA ASP A 364 -13.88 -8.00 0.65
C ASP A 364 -13.77 -7.28 -0.71
N ASN A 365 -12.70 -7.55 -1.47
CA ASN A 365 -12.40 -6.88 -2.74
C ASN A 365 -13.33 -7.28 -3.91
N HIS A 366 -14.26 -8.25 -3.73
CA HIS A 366 -15.18 -8.64 -4.78
C HIS A 366 -16.68 -8.51 -4.38
N ALA A 367 -17.01 -8.43 -3.08
CA ALA A 367 -18.41 -8.41 -2.62
C ALA A 367 -18.65 -7.96 -1.18
N LEU A 368 -19.94 -7.75 -0.84
CA LEU A 368 -20.47 -7.40 0.49
C LEU A 368 -21.59 -8.39 0.84
N TYR A 369 -21.39 -9.12 1.94
CA TYR A 369 -22.32 -10.16 2.39
C TYR A 369 -22.91 -9.85 3.77
N ASP A 370 -24.24 -9.87 3.85
CA ASP A 370 -24.99 -9.67 5.10
C ASP A 370 -25.07 -11.05 5.78
N ARG A 371 -24.32 -11.25 6.89
CA ARG A 371 -24.26 -12.53 7.64
C ARG A 371 -25.60 -12.93 8.26
N THR A 372 -26.44 -11.96 8.67
CA THR A 372 -27.74 -12.21 9.31
C THR A 372 -28.83 -12.61 8.30
N LYS A 373 -28.97 -11.84 7.21
CA LYS A 373 -29.98 -12.09 6.17
C LYS A 373 -29.54 -13.14 5.13
N ARG A 374 -28.24 -13.52 5.13
CA ARG A 374 -27.62 -14.52 4.26
C ARG A 374 -27.77 -14.19 2.77
N VAL A 375 -27.58 -12.91 2.43
CA VAL A 375 -27.68 -12.40 1.06
C VAL A 375 -26.49 -11.48 0.72
N PHE A 376 -26.16 -11.40 -0.57
CA PHE A 376 -25.13 -10.51 -1.07
C PHE A 376 -25.77 -9.17 -1.43
N LEU A 377 -25.07 -8.06 -1.16
CA LEU A 377 -25.59 -6.73 -1.46
C LEU A 377 -24.91 -6.22 -2.73
N GLU A 378 -25.71 -5.87 -3.74
CA GLU A 378 -25.20 -5.40 -5.04
C GLU A 378 -24.86 -3.91 -5.06
N ALA A 379 -23.76 -3.56 -5.75
CA ALA A 379 -23.29 -2.18 -5.87
C ALA A 379 -22.53 -1.96 -7.17
N GLU A 380 -22.82 -0.85 -7.87
CA GLU A 380 -22.15 -0.50 -9.11
C GLU A 380 -21.23 0.72 -8.94
N SER A 381 -21.23 1.33 -7.75
CA SER A 381 -20.39 2.46 -7.35
C SER A 381 -19.92 2.32 -5.89
N GLU A 382 -18.85 3.03 -5.53
CA GLU A 382 -18.27 3.10 -4.18
C GLU A 382 -19.31 3.68 -3.21
N GLU A 383 -20.09 4.70 -3.66
CA GLU A 383 -21.15 5.36 -2.90
C GLU A 383 -22.20 4.35 -2.43
N GLU A 384 -22.65 3.43 -3.33
CA GLU A 384 -23.63 2.38 -3.01
C GLU A 384 -23.13 1.44 -1.91
N ILE A 385 -21.82 1.12 -1.91
CA ILE A 385 -21.18 0.27 -0.87
C ILE A 385 -21.26 0.96 0.50
N PHE A 386 -20.88 2.26 0.59
CA PHE A 386 -20.93 3.09 1.81
C PHE A 386 -22.36 3.14 2.36
N ALA A 387 -23.36 3.39 1.49
CA ALA A 387 -24.79 3.43 1.82
C ALA A 387 -25.30 2.08 2.41
N HIS A 388 -24.90 0.91 1.82
CA HIS A 388 -25.24 -0.43 2.32
C HIS A 388 -24.68 -0.65 3.75
N LEU A 389 -23.49 -0.10 4.02
CA LEU A 389 -22.78 -0.16 5.29
C LEU A 389 -23.28 0.83 6.35
N GLY A 390 -24.14 1.76 5.95
CA GLY A 390 -24.66 2.80 6.84
C GLY A 390 -23.61 3.86 7.13
N LEU A 391 -22.72 4.13 6.15
CA LEU A 391 -21.63 5.11 6.27
C LEU A 391 -21.81 6.30 5.36
N ASP A 392 -21.42 7.51 5.85
CA ASP A 392 -21.37 8.73 5.04
C ASP A 392 -20.23 8.50 4.05
N TYR A 393 -20.46 8.84 2.77
CA TYR A 393 -19.46 8.66 1.73
C TYR A 393 -18.20 9.44 2.03
N ILE A 394 -17.05 8.75 1.98
CA ILE A 394 -15.73 9.32 2.19
C ILE A 394 -15.06 9.36 0.81
N GLU A 395 -14.67 10.56 0.36
CA GLU A 395 -13.99 10.76 -0.93
C GLU A 395 -12.59 10.09 -0.90
N PRO A 396 -12.01 9.67 -2.06
CA PRO A 396 -10.66 9.04 -2.03
C PRO A 396 -9.54 9.89 -1.38
N TRP A 397 -9.59 11.23 -1.53
CA TRP A 397 -8.59 12.16 -0.96
C TRP A 397 -8.71 12.31 0.58
N GLU A 398 -9.80 11.77 1.15
CA GLU A 398 -10.14 11.75 2.60
C GLU A 398 -9.92 10.35 3.20
N ARG A 399 -9.30 9.43 2.42
CA ARG A 399 -9.05 8.05 2.85
C ARG A 399 -7.57 7.80 3.16
N ASN A 400 -6.83 8.87 3.49
CA ASN A 400 -5.38 8.81 3.78
C ASN A 400 -5.07 8.48 5.23
N ALA A 401 -5.86 7.57 5.82
CA ALA A 401 -5.79 7.11 7.19
C ALA A 401 -4.47 6.35 7.50
#